data_6OBL
#
_entry.id   6OBL
#
_cell.length_a   43.605
_cell.length_b   57.782
_cell.length_c   61.009
_cell.angle_alpha   90.00
_cell.angle_beta   110.71
_cell.angle_gamma   90.00
#
_symmetry.space_group_name_H-M   'P 1 21 1'
#
loop_
_entity.id
_entity.type
_entity.pdbx_description
1 polymer 'Tyrosine-protein kinase JAK2'
2 non-polymer '[4-({5-amino-3-[(4-cyanophenyl)amino]-1H-1,2,4-triazole-1-carbonyl}amino)phenoxy]acetic acid'
3 water water
#
_entity_poly.entity_id   1
_entity_poly.type   'polypeptide(L)'
_entity_poly.pdbx_seq_one_letter_code
;VFHKIRNEDLIFNESLGQGTFTKIFKGVRREVGDYGQLHETEVLLKVLDKAHRNYSESFFEAASMMSKLSHKHLVLNYGV
CVCGDENILVQEFVKFGSLDTYLKKNKNCINILWKLEVAKQLAAAMHFLEENTLIHGNVCAKNILLIREEDRKTGNPPFI
KLSDPGISITVLPKDILQERIPWVPPECIENPKNLNLATDKWSFGTTLWEICSGGDKPLSALDSQRKLQFYEDRHQLPAP
KAAELANLINNCMDYEPDHRPSFRAIIRDLNSLFTPDLVPRGSHHHHHH
;
_entity_poly.pdbx_strand_id   A
#
loop_
_chem_comp.id
_chem_comp.type
_chem_comp.name
_chem_comp.formula
M4P non-polymer '[4-({5-amino-3-[(4-cyanophenyl)amino]-1H-1,2,4-triazole-1-carbonyl}amino)phenoxy]acetic acid' 'C18 H15 N7 O4'
#
# COMPACT_ATOMS: atom_id res chain seq x y z
N PHE A 2 -10.69 9.80 -15.30
CA PHE A 2 -11.35 8.57 -14.87
C PHE A 2 -12.67 8.30 -15.60
N HIS A 3 -12.74 7.15 -16.27
CA HIS A 3 -13.99 6.66 -16.83
C HIS A 3 -15.09 6.64 -15.76
N LYS A 4 -16.24 7.20 -16.09
CA LYS A 4 -17.37 7.19 -15.16
C LYS A 4 -18.24 5.96 -15.44
N ILE A 5 -18.52 5.20 -14.39
CA ILE A 5 -19.27 3.95 -14.48
C ILE A 5 -20.64 4.17 -13.84
N ARG A 6 -21.69 3.77 -14.55
CA ARG A 6 -23.05 3.97 -14.06
C ARG A 6 -23.33 3.08 -12.86
N ASN A 7 -24.07 3.63 -11.90
CA ASN A 7 -24.50 2.83 -10.75
C ASN A 7 -25.23 1.57 -11.21
N GLU A 8 -25.94 1.64 -12.34
CA GLU A 8 -26.73 0.52 -12.82
C GLU A 8 -25.87 -0.65 -13.30
N ASP A 9 -24.61 -0.41 -13.63
CA ASP A 9 -23.73 -1.48 -14.08
C ASP A 9 -22.97 -2.16 -12.94
N LEU A 10 -23.21 -1.76 -11.69
CA LEU A 10 -22.47 -2.28 -10.54
C LEU A 10 -23.39 -3.01 -9.57
N ILE A 11 -22.96 -4.19 -9.12
CA ILE A 11 -23.64 -4.94 -8.06
C ILE A 11 -22.72 -4.99 -6.84
N PHE A 12 -23.22 -4.56 -5.69
CA PHE A 12 -22.46 -4.57 -4.45
C PHE A 12 -22.61 -5.92 -3.75
N ASN A 13 -21.51 -6.59 -3.47
CA ASN A 13 -21.62 -7.80 -2.66
C ASN A 13 -20.94 -7.59 -1.30
N GLU A 14 -20.27 -8.61 -0.77
CA GLU A 14 -19.92 -8.62 0.65
C GLU A 14 -18.89 -7.55 1.02
N SER A 15 -19.05 -7.00 2.21
CA SER A 15 -18.05 -6.12 2.78
C SER A 15 -16.74 -6.86 2.92
N LEU A 16 -15.65 -6.19 2.57
CA LEU A 16 -14.31 -6.71 2.84
C LEU A 16 -13.60 -5.91 3.92
N GLY A 17 -14.28 -5.01 4.59
CA GLY A 17 -13.64 -4.27 5.65
C GLY A 17 -13.58 -2.80 5.36
N GLN A 18 -12.60 -2.12 5.96
CA GLN A 18 -12.47 -0.67 5.89
C GLN A 18 -11.02 -0.28 5.57
N GLY A 19 -10.89 0.89 4.93
CA GLY A 19 -9.66 1.64 4.91
C GLY A 19 -9.82 2.91 5.71
N THR A 20 -8.97 3.89 5.41
CA THR A 20 -9.08 5.17 6.10
C THR A 20 -10.22 5.95 5.48
N PHE A 21 -11.30 6.13 6.22
CA PHE A 21 -12.49 6.87 5.77
C PHE A 21 -13.12 6.22 4.53
N THR A 22 -12.91 4.92 4.34
CA THR A 22 -13.49 4.19 3.22
C THR A 22 -14.08 2.87 3.71
N LYS A 23 -15.12 2.42 3.03
CA LYS A 23 -15.65 1.08 3.17
C LYS A 23 -15.29 0.29 1.91
N ILE A 24 -14.99 -1.00 2.09
CA ILE A 24 -14.48 -1.85 1.03
C ILE A 24 -15.47 -2.98 0.80
N PHE A 25 -15.80 -3.24 -0.47
CA PHE A 25 -16.78 -4.25 -0.87
C PHE A 25 -16.28 -5.00 -2.09
N LYS A 26 -16.54 -6.29 -2.13
CA LYS A 26 -16.50 -7.03 -3.38
C LYS A 26 -17.74 -6.67 -4.21
N GLY A 27 -17.59 -6.68 -5.53
CA GLY A 27 -18.70 -6.37 -6.40
C GLY A 27 -18.52 -6.98 -7.77
N VAL A 28 -19.47 -6.68 -8.66
CA VAL A 28 -19.45 -7.17 -10.04
C VAL A 28 -19.81 -6.01 -10.97
N ARG A 29 -19.08 -5.87 -12.06
CA ARG A 29 -19.33 -4.84 -13.04
C ARG A 29 -19.75 -5.48 -14.36
N ARG A 30 -20.87 -5.02 -14.92
CA ARG A 30 -21.36 -5.51 -16.20
C ARG A 30 -20.83 -4.61 -17.31
N GLU A 31 -20.22 -5.20 -18.31
CA GLU A 31 -19.55 -4.37 -19.30
C GLU A 31 -19.52 -5.06 -20.66
N VAL A 32 -19.43 -4.24 -21.70
CA VAL A 32 -19.09 -4.72 -23.03
C VAL A 32 -17.56 -4.74 -23.11
N GLY A 33 -16.99 -5.94 -23.18
CA GLY A 33 -15.55 -6.11 -23.29
C GLY A 33 -15.08 -6.28 -24.72
N ASP A 34 -13.87 -6.85 -24.85
CA ASP A 34 -13.25 -7.04 -26.15
C ASP A 34 -14.16 -7.83 -27.09
N TYR A 35 -14.06 -7.50 -28.37
CA TYR A 35 -14.82 -8.14 -29.43
C TYR A 35 -16.32 -8.03 -29.21
N GLY A 36 -16.77 -7.03 -28.45
CA GLY A 36 -18.18 -6.87 -28.18
C GLY A 36 -18.80 -7.92 -27.29
N GLN A 37 -18.00 -8.78 -26.65
CA GLN A 37 -18.56 -9.77 -25.74
C GLN A 37 -19.03 -9.12 -24.43
N LEU A 38 -20.15 -9.61 -23.90
CA LEU A 38 -20.68 -9.12 -22.64
C LEU A 38 -19.98 -9.81 -21.48
N HIS A 39 -19.52 -9.02 -20.51
CA HIS A 39 -18.74 -9.49 -19.37
C HIS A 39 -19.42 -9.15 -18.05
N GLU A 40 -19.21 -10.00 -17.05
CA GLU A 40 -19.52 -9.69 -15.65
C GLU A 40 -18.22 -9.86 -14.88
N THR A 41 -17.55 -8.75 -14.54
CA THR A 41 -16.21 -8.77 -13.98
C THR A 41 -16.26 -8.59 -12.47
N GLU A 42 -15.56 -9.43 -11.73
CA GLU A 42 -15.36 -9.15 -10.32
C GLU A 42 -14.57 -7.86 -10.17
N VAL A 43 -15.03 -6.99 -9.26
CA VAL A 43 -14.38 -5.70 -9.03
C VAL A 43 -14.28 -5.45 -7.53
N LEU A 44 -13.41 -4.53 -7.18
CA LEU A 44 -13.19 -4.11 -5.80
C LEU A 44 -13.69 -2.69 -5.68
N LEU A 45 -14.67 -2.46 -4.82
CA LEU A 45 -15.29 -1.14 -4.70
C LEU A 45 -14.82 -0.49 -3.41
N LYS A 46 -14.32 0.73 -3.52
CA LYS A 46 -13.88 1.54 -2.37
C LYS A 46 -14.79 2.74 -2.30
N VAL A 47 -15.57 2.83 -1.23
CA VAL A 47 -16.60 3.85 -1.06
C VAL A 47 -16.11 4.87 -0.05
N LEU A 48 -16.07 6.14 -0.44
CA LEU A 48 -15.73 7.21 0.49
C LEU A 48 -16.97 7.57 1.30
N ASP A 49 -16.91 7.30 2.61
CA ASP A 49 -18.06 7.45 3.50
C ASP A 49 -18.65 8.86 3.39
N LYS A 50 -19.98 8.93 3.53
CA LYS A 50 -20.67 10.21 3.42
C LYS A 50 -20.19 11.19 4.50
N ALA A 51 -19.97 10.68 5.72
CA ALA A 51 -19.54 11.54 6.82
C ALA A 51 -18.24 12.25 6.50
N HIS A 52 -17.34 11.61 5.76
CA HIS A 52 -16.05 12.19 5.41
C HIS A 52 -16.02 12.69 3.98
N ARG A 53 -17.12 13.28 3.51
CA ARG A 53 -17.21 13.75 2.13
C ARG A 53 -16.20 14.87 1.86
N ASN A 54 -15.77 15.58 2.89
CA ASN A 54 -14.76 16.63 2.70
C ASN A 54 -13.46 16.08 2.12
N TYR A 55 -13.17 14.80 2.37
CA TYR A 55 -11.93 14.15 1.91
C TYR A 55 -12.03 13.60 0.50
N SER A 56 -13.16 13.80 -0.19
CA SER A 56 -13.36 13.17 -1.50
C SER A 56 -12.25 13.55 -2.46
N GLU A 57 -11.96 14.84 -2.59
CA GLU A 57 -11.00 15.29 -3.59
C GLU A 57 -9.63 14.67 -3.37
N SER A 58 -9.21 14.51 -2.12
CA SER A 58 -7.88 13.97 -1.85
C SER A 58 -7.78 12.51 -2.28
N PHE A 59 -8.78 11.69 -1.94
CA PHE A 59 -8.73 10.27 -2.29
C PHE A 59 -8.69 10.06 -3.80
N PHE A 60 -9.52 10.76 -4.55
CA PHE A 60 -9.57 10.50 -5.99
C PHE A 60 -8.42 11.15 -6.74
N GLU A 61 -7.83 12.22 -6.21
CA GLU A 61 -6.65 12.80 -6.85
C GLU A 61 -5.45 11.85 -6.76
N ALA A 62 -5.31 11.15 -5.63
CA ALA A 62 -4.18 10.24 -5.49
C ALA A 62 -4.35 9.01 -6.38
N ALA A 63 -5.55 8.39 -6.35
CA ALA A 63 -5.84 7.32 -7.29
C ALA A 63 -5.59 7.77 -8.73
N SER A 64 -5.99 9.01 -9.05
CA SER A 64 -5.92 9.47 -10.43
C SER A 64 -4.48 9.64 -10.89
N MET A 65 -3.66 10.29 -10.07
CA MET A 65 -2.29 10.57 -10.50
C MET A 65 -1.49 9.28 -10.68
N MET A 66 -1.72 8.29 -9.82
CA MET A 66 -1.05 7.00 -9.97
C MET A 66 -1.58 6.25 -11.18
N SER A 67 -2.88 6.35 -11.45
CA SER A 67 -3.44 5.67 -12.62
C SER A 67 -3.01 6.31 -13.95
N LYS A 68 -2.55 7.55 -13.95
CA LYS A 68 -2.00 8.12 -15.17
C LYS A 68 -0.69 7.45 -15.55
N LEU A 69 -0.05 6.75 -14.61
CA LEU A 69 1.02 5.82 -14.92
C LEU A 69 0.44 4.42 -15.06
N SER A 70 1.10 3.61 -15.88
CA SER A 70 0.76 2.20 -16.03
C SER A 70 2.02 1.38 -15.81
N HIS A 71 1.91 0.30 -15.03
CA HIS A 71 3.05 -0.51 -14.62
C HIS A 71 2.52 -1.84 -14.09
N LYS A 72 3.29 -2.90 -14.32
CA LYS A 72 2.83 -4.25 -13.95
C LYS A 72 2.69 -4.43 -12.43
N HIS A 73 3.34 -3.60 -11.62
CA HIS A 73 3.26 -3.74 -10.16
C HIS A 73 2.36 -2.70 -9.51
N LEU A 74 1.54 -2.01 -10.30
CA LEU A 74 0.58 -1.02 -9.82
C LEU A 74 -0.82 -1.47 -10.16
N VAL A 75 -1.72 -1.36 -9.17
CA VAL A 75 -3.09 -1.83 -9.33
C VAL A 75 -3.82 -1.06 -10.43
N LEU A 76 -4.71 -1.74 -11.14
CA LEU A 76 -5.52 -1.15 -12.18
C LEU A 76 -6.81 -0.59 -11.61
N ASN A 77 -7.12 0.67 -11.94
CA ASN A 77 -8.43 1.26 -11.68
C ASN A 77 -9.25 1.22 -12.95
N TYR A 78 -10.51 0.80 -12.85
CA TYR A 78 -11.42 0.77 -14.00
C TYR A 78 -12.14 2.10 -14.20
N GLY A 79 -12.36 2.85 -13.15
CA GLY A 79 -13.09 4.09 -13.22
C GLY A 79 -13.72 4.37 -11.87
N VAL A 80 -14.58 5.39 -11.85
CA VAL A 80 -15.26 5.81 -10.64
C VAL A 80 -16.77 5.81 -10.87
N CYS A 81 -17.52 5.63 -9.79
CA CYS A 81 -18.97 5.73 -9.83
C CYS A 81 -19.39 6.85 -8.88
N VAL A 82 -19.91 7.95 -9.45
CA VAL A 82 -20.40 9.08 -8.69
C VAL A 82 -21.91 9.19 -8.74
N CYS A 83 -22.58 8.26 -9.41
CA CYS A 83 -24.03 8.32 -9.61
C CYS A 83 -24.73 7.85 -8.33
N GLY A 84 -24.89 8.79 -7.41
CA GLY A 84 -25.61 8.48 -6.19
C GLY A 84 -25.16 9.39 -5.05
N ASP A 85 -25.31 8.87 -3.83
CA ASP A 85 -24.89 9.57 -2.63
C ASP A 85 -23.41 9.36 -2.30
N GLU A 86 -22.73 8.46 -3.00
CA GLU A 86 -21.41 8.00 -2.61
C GLU A 86 -20.41 8.19 -3.75
N ASN A 87 -19.14 8.35 -3.37
CA ASN A 87 -18.04 8.36 -4.31
C ASN A 87 -17.34 7.00 -4.23
N ILE A 88 -17.29 6.30 -5.36
CA ILE A 88 -16.80 4.93 -5.38
C ILE A 88 -15.66 4.81 -6.37
N LEU A 89 -14.54 4.24 -5.92
CA LEU A 89 -13.47 3.85 -6.82
C LEU A 89 -13.67 2.40 -7.23
N VAL A 90 -13.60 2.14 -8.53
CA VAL A 90 -13.82 0.80 -9.06
C VAL A 90 -12.46 0.26 -9.51
N GLN A 91 -12.03 -0.80 -8.85
CA GLN A 91 -10.66 -1.27 -8.93
C GLN A 91 -10.65 -2.76 -9.29
N GLU A 92 -9.56 -3.21 -9.90
CA GLU A 92 -9.41 -4.63 -10.18
C GLU A 92 -9.46 -5.41 -8.87
N PHE A 93 -10.04 -6.60 -8.92
CA PHE A 93 -10.16 -7.46 -7.75
C PHE A 93 -8.99 -8.44 -7.74
N VAL A 94 -8.14 -8.33 -6.74
CA VAL A 94 -6.96 -9.19 -6.64
C VAL A 94 -7.36 -10.40 -5.81
N LYS A 95 -7.02 -11.59 -6.28
CA LYS A 95 -7.64 -12.80 -5.72
C LYS A 95 -7.32 -12.96 -4.23
N PHE A 96 -6.09 -12.67 -3.81
CA PHE A 96 -5.65 -13.06 -2.49
C PHE A 96 -5.62 -11.92 -1.47
N GLY A 97 -5.88 -10.69 -1.88
CA GLY A 97 -6.01 -9.61 -0.91
C GLY A 97 -4.70 -9.04 -0.40
N SER A 98 -4.80 -8.32 0.70
CA SER A 98 -3.66 -7.59 1.25
C SER A 98 -2.59 -8.54 1.78
N LEU A 99 -1.35 -8.09 1.70
CA LEU A 99 -0.23 -8.94 2.09
C LEU A 99 -0.20 -9.17 3.61
N ASP A 100 -0.54 -8.16 4.41
CA ASP A 100 -0.43 -8.33 5.86
C ASP A 100 -1.31 -9.47 6.36
N THR A 101 -2.54 -9.57 5.82
CA THR A 101 -3.43 -10.68 6.18
C THR A 101 -2.86 -12.02 5.70
N TYR A 102 -2.34 -12.05 4.47
CA TYR A 102 -1.79 -13.28 3.95
C TYR A 102 -0.58 -13.74 4.76
N LEU A 103 0.28 -12.81 5.17
CA LEU A 103 1.45 -13.18 5.96
C LEU A 103 1.04 -13.84 7.28
N LYS A 104 0.06 -13.26 7.96
CA LYS A 104 -0.38 -13.82 9.24
C LYS A 104 -0.92 -15.24 9.06
N LYS A 105 -1.74 -15.45 8.03
CA LYS A 105 -2.35 -16.75 7.80
C LYS A 105 -1.35 -17.81 7.36
N ASN A 106 -0.19 -17.42 6.82
CA ASN A 106 0.76 -18.40 6.31
C ASN A 106 2.15 -18.22 6.91
N LYS A 107 2.23 -17.65 8.12
CA LYS A 107 3.53 -17.34 8.72
C LYS A 107 4.46 -18.56 8.68
N ASN A 108 3.99 -19.69 9.21
CA ASN A 108 4.85 -20.87 9.31
C ASN A 108 5.24 -21.45 7.96
N CYS A 109 4.70 -20.95 6.85
CA CYS A 109 4.94 -21.55 5.54
C CYS A 109 5.65 -20.63 4.55
N ILE A 110 6.18 -19.51 5.00
CA ILE A 110 6.83 -18.53 4.13
C ILE A 110 8.30 -18.45 4.54
N ASN A 111 9.19 -18.63 3.57
CA ASN A 111 10.62 -18.60 3.86
C ASN A 111 11.25 -17.33 3.31
N ILE A 112 12.56 -17.23 3.51
CA ILE A 112 13.25 -15.98 3.24
C ILE A 112 13.26 -15.66 1.75
N LEU A 113 13.40 -16.69 0.90
CA LEU A 113 13.40 -16.47 -0.54
C LEU A 113 12.07 -15.85 -0.99
N TRP A 114 10.97 -16.29 -0.39
CA TRP A 114 9.66 -15.69 -0.67
C TRP A 114 9.65 -14.21 -0.31
N LYS A 115 10.14 -13.90 0.90
CA LYS A 115 10.15 -12.52 1.35
C LYS A 115 11.04 -11.65 0.47
N LEU A 116 12.20 -12.18 0.06
CA LEU A 116 13.08 -11.44 -0.83
C LEU A 116 12.40 -11.17 -2.17
N GLU A 117 11.76 -12.19 -2.75
CA GLU A 117 11.08 -11.99 -4.03
C GLU A 117 10.04 -10.89 -3.91
N VAL A 118 9.29 -10.85 -2.80
CA VAL A 118 8.27 -9.81 -2.60
C VAL A 118 8.92 -8.45 -2.43
N ALA A 119 10.02 -8.38 -1.66
CA ALA A 119 10.69 -7.11 -1.44
C ALA A 119 11.26 -6.54 -2.72
N LYS A 120 11.85 -7.39 -3.56
CA LYS A 120 12.36 -6.93 -4.86
C LYS A 120 11.25 -6.34 -5.72
N GLN A 121 10.11 -7.03 -5.81
CA GLN A 121 8.99 -6.51 -6.58
C GLN A 121 8.51 -5.17 -6.04
N LEU A 122 8.40 -5.05 -4.70
CA LEU A 122 7.98 -3.79 -4.11
C LEU A 122 8.96 -2.66 -4.42
N ALA A 123 10.27 -2.94 -4.28
CA ALA A 123 11.27 -1.94 -4.65
C ALA A 123 11.17 -1.56 -6.13
N ALA A 124 10.88 -2.52 -7.00
CA ALA A 124 10.75 -2.20 -8.42
C ALA A 124 9.63 -1.21 -8.66
N ALA A 125 8.49 -1.40 -7.98
CA ALA A 125 7.39 -0.46 -8.12
C ALA A 125 7.77 0.92 -7.59
N MET A 126 8.45 0.97 -6.43
CA MET A 126 8.89 2.24 -5.86
C MET A 126 9.95 2.91 -6.72
N HIS A 127 10.88 2.13 -7.27
CA HIS A 127 11.84 2.70 -8.22
C HIS A 127 11.11 3.38 -9.37
N PHE A 128 10.12 2.69 -9.95
CA PHE A 128 9.33 3.25 -11.04
C PHE A 128 8.70 4.56 -10.62
N LEU A 129 8.06 4.58 -9.44
CA LEU A 129 7.44 5.80 -8.95
C LEU A 129 8.48 6.89 -8.72
N GLU A 130 9.65 6.51 -8.18
CA GLU A 130 10.69 7.51 -7.90
C GLU A 130 11.19 8.16 -9.18
N GLU A 131 11.45 7.34 -10.21
CA GLU A 131 11.90 7.87 -11.51
C GLU A 131 10.85 8.79 -12.12
N ASN A 132 9.58 8.55 -11.85
CA ASN A 132 8.52 9.43 -12.31
C ASN A 132 8.21 10.53 -11.31
N THR A 133 9.03 10.66 -10.26
CA THR A 133 8.86 11.67 -9.21
C THR A 133 7.42 11.73 -8.72
N LEU A 134 6.81 10.57 -8.53
CA LEU A 134 5.50 10.48 -7.94
C LEU A 134 5.62 9.94 -6.51
N ILE A 135 5.00 10.64 -5.58
CA ILE A 135 5.00 10.25 -4.17
C ILE A 135 3.76 9.41 -3.91
N HIS A 136 3.95 8.20 -3.37
CA HIS A 136 2.81 7.38 -3.01
C HIS A 136 2.20 7.84 -1.68
N GLY A 137 2.99 7.80 -0.61
CA GLY A 137 2.62 8.39 0.66
C GLY A 137 1.98 7.45 1.65
N ASN A 138 1.74 6.19 1.28
CA ASN A 138 1.10 5.26 2.20
C ASN A 138 1.55 3.83 1.93
N VAL A 139 2.85 3.61 1.87
CA VAL A 139 3.38 2.29 1.59
C VAL A 139 3.33 1.47 2.86
N CYS A 140 2.65 0.33 2.81
CA CYS A 140 2.47 -0.53 3.96
C CYS A 140 2.00 -1.88 3.45
N ALA A 141 2.19 -2.92 4.26
CA ALA A 141 1.78 -4.26 3.88
C ALA A 141 0.29 -4.34 3.54
N LYS A 142 -0.55 -3.55 4.22
CA LYS A 142 -1.97 -3.53 3.89
C LYS A 142 -2.21 -3.07 2.45
N ASN A 143 -1.36 -2.18 1.94
CA ASN A 143 -1.52 -1.63 0.61
C ASN A 143 -0.80 -2.43 -0.46
N ILE A 144 -0.37 -3.64 -0.13
CA ILE A 144 0.24 -4.52 -1.12
C ILE A 144 -0.68 -5.71 -1.33
N LEU A 145 -0.94 -6.02 -2.60
CA LEU A 145 -1.93 -7.00 -2.99
C LEU A 145 -1.25 -8.18 -3.67
N LEU A 146 -1.64 -9.39 -3.26
CA LEU A 146 -1.04 -10.63 -3.76
C LEU A 146 -1.87 -11.14 -4.94
N ILE A 147 -1.38 -10.87 -6.15
CA ILE A 147 -2.01 -11.37 -7.37
C ILE A 147 -1.95 -12.89 -7.44
N ARG A 148 -0.82 -13.47 -7.02
CA ARG A 148 -0.57 -14.88 -7.28
C ARG A 148 0.36 -15.42 -6.21
N GLU A 149 0.10 -16.66 -5.78
CA GLU A 149 0.95 -17.33 -4.81
C GLU A 149 2.11 -18.03 -5.51
N GLU A 150 3.15 -18.35 -4.74
CA GLU A 150 4.24 -19.17 -5.27
C GLU A 150 3.73 -20.59 -5.52
N ASP A 151 4.18 -21.18 -6.62
CA ASP A 151 3.81 -22.55 -6.99
C ASP A 151 5.10 -23.34 -7.12
N ARG A 152 5.52 -23.95 -6.00
CA ARG A 152 6.77 -24.71 -5.96
C ARG A 152 6.87 -25.68 -7.14
N LYS A 153 5.77 -26.36 -7.45
CA LYS A 153 5.75 -27.32 -8.55
C LYS A 153 5.93 -26.66 -9.91
N THR A 154 5.76 -25.35 -10.02
CA THR A 154 5.96 -24.65 -11.27
C THR A 154 7.18 -23.73 -11.25
N GLY A 155 7.88 -23.66 -10.12
CA GLY A 155 8.93 -22.68 -9.95
C GLY A 155 8.48 -21.24 -9.99
N ASN A 156 7.22 -20.97 -10.32
CA ASN A 156 6.75 -19.61 -10.48
C ASN A 156 6.71 -18.90 -9.12
N PRO A 157 7.16 -17.66 -9.05
CA PRO A 157 7.20 -16.97 -7.77
C PRO A 157 5.92 -16.20 -7.52
N PRO A 158 5.69 -15.74 -6.29
CA PRO A 158 4.52 -14.91 -6.03
C PRO A 158 4.61 -13.60 -6.80
N PHE A 159 3.47 -12.96 -6.99
CA PHE A 159 3.40 -11.69 -7.70
C PHE A 159 2.51 -10.72 -6.93
N ILE A 160 2.99 -9.50 -6.75
CA ILE A 160 2.29 -8.49 -5.95
C ILE A 160 2.07 -7.24 -6.76
N LYS A 161 1.09 -6.45 -6.32
CA LYS A 161 0.86 -5.11 -6.82
C LYS A 161 0.66 -4.18 -5.64
N LEU A 162 1.03 -2.90 -5.86
CA LEU A 162 0.84 -1.83 -4.91
C LEU A 162 -0.49 -1.12 -5.19
N SER A 163 -1.27 -0.93 -4.14
CA SER A 163 -2.58 -0.32 -4.23
C SER A 163 -2.46 1.20 -4.22
N ASP A 164 -3.58 1.89 -4.39
CA ASP A 164 -3.60 3.33 -4.51
C ASP A 164 -3.30 4.00 -3.17
N PRO A 165 -2.89 5.28 -3.17
CA PRO A 165 -2.39 5.88 -1.94
C PRO A 165 -3.45 6.12 -0.86
N GLY A 166 -4.72 6.25 -1.24
CA GLY A 166 -5.69 6.73 -0.27
C GLY A 166 -5.51 8.23 -0.03
N ILE A 167 -6.16 8.70 1.03
CA ILE A 167 -6.09 10.11 1.38
C ILE A 167 -4.66 10.51 1.78
N SER A 168 -4.24 11.67 1.32
CA SER A 168 -2.88 12.15 1.57
C SER A 168 -2.69 12.46 3.05
N ILE A 169 -1.49 12.14 3.57
CA ILE A 169 -1.15 12.53 4.93
C ILE A 169 -1.05 14.04 5.08
N THR A 170 -1.01 14.79 3.97
CA THR A 170 -1.02 16.24 4.06
C THR A 170 -2.39 16.80 4.43
N VAL A 171 -3.45 15.97 4.48
CA VAL A 171 -4.77 16.46 4.86
C VAL A 171 -5.40 15.64 5.98
N LEU A 172 -4.75 14.59 6.46
CA LEU A 172 -5.36 13.74 7.47
C LEU A 172 -5.30 14.38 8.85
N PRO A 173 -6.23 14.01 9.74
CA PRO A 173 -6.16 14.50 11.13
C PRO A 173 -4.89 14.03 11.82
N LYS A 174 -4.39 14.88 12.73
CA LYS A 174 -3.18 14.55 13.48
C LYS A 174 -3.30 13.24 14.26
N ASP A 175 -4.51 12.90 14.71
CA ASP A 175 -4.67 11.66 15.48
C ASP A 175 -4.43 10.43 14.61
N ILE A 176 -4.94 10.42 13.38
CA ILE A 176 -4.69 9.30 12.47
C ILE A 176 -3.20 9.23 12.12
N LEU A 177 -2.60 10.38 11.81
CA LEU A 177 -1.18 10.44 11.51
C LEU A 177 -0.34 9.82 12.62
N GLN A 178 -0.60 10.21 13.87
CA GLN A 178 0.22 9.67 14.97
C GLN A 178 -0.01 8.18 15.14
N GLU A 179 -1.23 7.71 14.91
CA GLU A 179 -1.52 6.28 14.97
C GLU A 179 -0.81 5.49 13.88
N ARG A 180 -0.46 6.13 12.76
CA ARG A 180 0.26 5.50 11.65
C ARG A 180 1.78 5.53 11.81
N ILE A 181 2.28 5.97 12.96
CA ILE A 181 3.67 5.71 13.31
C ILE A 181 3.85 4.21 13.48
N PRO A 182 4.90 3.59 12.93
CA PRO A 182 6.07 4.18 12.26
C PRO A 182 6.03 4.14 10.72
N TRP A 183 4.86 4.01 10.08
CA TRP A 183 4.85 4.12 8.62
C TRP A 183 5.06 5.57 8.19
N VAL A 184 4.50 6.51 8.93
CA VAL A 184 4.66 7.93 8.60
C VAL A 184 6.04 8.38 9.09
N PRO A 185 6.83 9.05 8.25
CA PRO A 185 8.22 9.38 8.64
C PRO A 185 8.24 10.42 9.76
N PRO A 186 9.34 10.51 10.50
CA PRO A 186 9.40 11.50 11.59
C PRO A 186 9.19 12.93 11.12
N GLU A 187 9.69 13.30 9.95
CA GLU A 187 9.57 14.68 9.52
C GLU A 187 8.14 15.01 9.06
N CYS A 188 7.33 14.00 8.78
CA CYS A 188 5.93 14.25 8.44
C CYS A 188 5.08 14.40 9.70
N ILE A 189 5.47 13.73 10.78
CA ILE A 189 4.87 13.98 12.08
C ILE A 189 5.20 15.38 12.56
N GLU A 190 6.45 15.81 12.40
CA GLU A 190 6.81 17.20 12.68
C GLU A 190 6.01 18.16 11.82
N ASN A 191 5.78 17.82 10.56
CA ASN A 191 5.06 18.69 9.65
C ASN A 191 4.54 17.83 8.50
N PRO A 192 3.22 17.66 8.36
CA PRO A 192 2.70 16.84 7.25
C PRO A 192 3.09 17.35 5.89
N LYS A 193 3.36 18.65 5.76
CA LYS A 193 3.77 19.26 4.50
C LYS A 193 5.20 18.91 4.09
N ASN A 194 5.95 18.17 4.91
CA ASN A 194 7.26 17.67 4.53
C ASN A 194 7.20 16.42 3.66
N LEU A 195 6.00 16.00 3.26
CA LEU A 195 5.86 14.89 2.32
C LEU A 195 6.78 15.09 1.13
N ASN A 196 7.60 14.09 0.83
CA ASN A 196 8.60 14.18 -0.23
C ASN A 196 8.88 12.78 -0.76
N LEU A 197 9.76 12.70 -1.76
CA LEU A 197 10.19 11.39 -2.25
C LEU A 197 10.79 10.55 -1.14
N ALA A 198 11.67 11.15 -0.32
CA ALA A 198 12.29 10.45 0.80
C ALA A 198 11.26 9.82 1.74
N THR A 199 10.03 10.34 1.79
CA THR A 199 8.98 9.75 2.62
C THR A 199 8.84 8.26 2.34
N ASP A 200 8.79 7.90 1.05
CA ASP A 200 8.49 6.53 0.66
C ASP A 200 9.64 5.59 0.97
N LYS A 201 10.87 6.12 1.01
CA LYS A 201 12.01 5.33 1.46
C LYS A 201 11.82 4.87 2.91
N TRP A 202 11.41 5.78 3.80
CA TRP A 202 11.18 5.38 5.19
C TRP A 202 10.08 4.32 5.27
N SER A 203 8.93 4.57 4.64
CA SER A 203 7.79 3.65 4.74
C SER A 203 8.09 2.30 4.11
N PHE A 204 8.96 2.29 3.09
CA PHE A 204 9.42 1.03 2.54
C PHE A 204 10.13 0.18 3.59
N GLY A 205 10.95 0.82 4.43
CA GLY A 205 11.59 0.09 5.52
C GLY A 205 10.60 -0.52 6.49
N THR A 206 9.60 0.27 6.90
CA THR A 206 8.58 -0.25 7.82
C THR A 206 7.86 -1.43 7.19
N THR A 207 7.51 -1.31 5.91
CA THR A 207 6.83 -2.38 5.20
C THR A 207 7.69 -3.63 5.15
N LEU A 208 8.99 -3.46 4.86
CA LEU A 208 9.93 -4.57 4.91
C LEU A 208 9.90 -5.25 6.28
N TRP A 209 9.83 -4.47 7.35
CA TRP A 209 9.74 -5.05 8.68
C TRP A 209 8.47 -5.89 8.82
N GLU A 210 7.33 -5.36 8.36
CA GLU A 210 6.09 -6.14 8.36
C GLU A 210 6.25 -7.47 7.64
N ILE A 211 6.82 -7.43 6.43
CA ILE A 211 6.99 -8.66 5.66
C ILE A 211 7.87 -9.66 6.40
N CYS A 212 8.99 -9.18 6.97
CA CYS A 212 9.90 -10.05 7.70
C CYS A 212 9.35 -10.51 9.05
N SER A 213 8.25 -9.92 9.53
CA SER A 213 7.72 -10.21 10.85
C SER A 213 6.41 -10.98 10.80
N GLY A 214 6.15 -11.72 9.72
CA GLY A 214 4.94 -12.51 9.64
C GLY A 214 3.67 -11.72 9.75
N GLY A 215 3.72 -10.44 9.41
CA GLY A 215 2.53 -9.62 9.44
C GLY A 215 2.23 -8.94 10.76
N ASP A 216 3.17 -8.96 11.71
CA ASP A 216 3.04 -8.15 12.91
C ASP A 216 3.07 -6.68 12.56
N LYS A 217 2.46 -5.87 13.41
CA LYS A 217 2.46 -4.42 13.28
C LYS A 217 3.52 -3.83 14.21
N PRO A 218 4.59 -3.23 13.69
CA PRO A 218 5.61 -2.67 14.59
C PRO A 218 5.01 -1.60 15.49
N LEU A 219 5.41 -1.63 16.77
CA LEU A 219 5.03 -0.66 17.79
C LEU A 219 3.54 -0.69 18.12
N SER A 220 2.82 -1.78 17.82
CA SER A 220 1.38 -1.77 18.05
C SER A 220 1.03 -1.73 19.54
N ALA A 221 1.96 -2.17 20.41
CA ALA A 221 1.72 -2.08 21.84
C ALA A 221 1.80 -0.65 22.37
N LEU A 222 2.39 0.29 21.60
CA LEU A 222 2.49 1.68 22.04
C LEU A 222 1.25 2.48 21.61
N ASP A 223 0.67 3.20 22.57
CA ASP A 223 -0.37 4.17 22.23
C ASP A 223 0.26 5.39 21.55
N SER A 224 -0.60 6.34 21.18
CA SER A 224 -0.17 7.47 20.36
C SER A 224 0.94 8.28 21.01
N GLN A 225 0.82 8.55 22.31
CA GLN A 225 1.83 9.39 22.98
C GLN A 225 3.18 8.70 23.02
N ARG A 226 3.19 7.39 23.28
CA ARG A 226 4.44 6.65 23.28
C ARG A 226 5.03 6.48 21.87
N LYS A 227 4.18 6.48 20.82
CA LYS A 227 4.71 6.44 19.45
C LYS A 227 5.43 7.73 19.11
N LEU A 228 4.84 8.88 19.48
CA LEU A 228 5.56 10.15 19.43
C LEU A 228 6.88 10.09 20.19
N GLN A 229 6.84 9.59 21.43
CA GLN A 229 8.06 9.49 22.24
C GLN A 229 9.11 8.65 21.53
N PHE A 230 8.69 7.58 20.85
CA PHE A 230 9.60 6.76 20.06
C PHE A 230 10.42 7.62 19.09
N TYR A 231 9.75 8.53 18.38
CA TYR A 231 10.48 9.37 17.45
C TYR A 231 11.33 10.41 18.17
N GLU A 232 10.78 11.03 19.22
CA GLU A 232 11.52 12.04 19.99
C GLU A 232 12.88 11.53 20.42
N ASP A 233 12.95 10.27 20.87
CA ASP A 233 14.18 9.64 21.32
C ASP A 233 14.96 8.94 20.21
N ARG A 234 14.47 8.99 18.96
CA ARG A 234 15.25 8.53 17.80
C ARG A 234 15.53 7.03 17.88
N HIS A 235 14.57 6.27 18.38
CA HIS A 235 14.70 4.82 18.38
C HIS A 235 14.52 4.25 16.97
N GLN A 236 15.03 3.03 16.77
CA GLN A 236 14.86 2.24 15.56
C GLN A 236 14.09 0.97 15.92
N LEU A 237 13.47 0.37 14.92
CA LEU A 237 12.72 -0.85 15.14
C LEU A 237 13.67 -1.99 15.52
N PRO A 238 13.21 -2.94 16.33
CA PRO A 238 14.04 -4.11 16.62
C PRO A 238 14.17 -4.97 15.38
N ALA A 239 15.20 -5.80 15.35
CA ALA A 239 15.38 -6.68 14.21
C ALA A 239 14.24 -7.68 14.14
N PRO A 240 13.56 -7.82 13.00
CA PRO A 240 12.47 -8.80 12.89
C PRO A 240 12.93 -10.23 13.08
N LYS A 241 11.96 -11.16 13.00
CA LYS A 241 12.23 -12.58 13.11
C LYS A 241 13.28 -12.99 12.08
N ALA A 242 12.93 -12.92 10.80
CA ALA A 242 13.92 -13.04 9.73
C ALA A 242 14.83 -11.81 9.77
N ALA A 243 15.97 -11.94 10.44
CA ALA A 243 16.85 -10.79 10.64
C ALA A 243 17.69 -10.45 9.42
N GLU A 244 17.64 -11.25 8.34
CA GLU A 244 18.52 -11.02 7.21
C GLU A 244 18.35 -9.63 6.60
N LEU A 245 17.17 -9.02 6.74
CA LEU A 245 16.91 -7.72 6.14
C LEU A 245 17.00 -6.57 7.15
N ALA A 246 17.45 -6.86 8.37
CA ALA A 246 17.43 -5.85 9.43
C ALA A 246 18.23 -4.61 9.03
N ASN A 247 19.45 -4.82 8.49
CA ASN A 247 20.29 -3.68 8.11
C ASN A 247 19.64 -2.82 7.04
N LEU A 248 19.05 -3.44 6.01
CA LEU A 248 18.34 -2.65 5.00
C LEU A 248 17.19 -1.87 5.64
N ILE A 249 16.40 -2.53 6.49
CA ILE A 249 15.30 -1.84 7.18
C ILE A 249 15.82 -0.59 7.90
N ASN A 250 16.88 -0.74 8.69
CA ASN A 250 17.35 0.42 9.44
C ASN A 250 18.00 1.45 8.52
N ASN A 251 18.64 1.03 7.42
CA ASN A 251 19.17 1.99 6.46
C ASN A 251 18.07 2.83 5.84
N CYS A 252 16.92 2.22 5.49
CA CYS A 252 15.81 2.98 4.93
C CYS A 252 15.18 3.91 5.96
N MET A 253 15.03 3.42 7.19
CA MET A 253 14.43 4.20 8.28
C MET A 253 15.48 5.13 8.89
N ASP A 254 15.95 6.06 8.07
CA ASP A 254 16.96 7.02 8.50
C ASP A 254 16.25 8.32 8.85
N TYR A 255 16.48 8.79 10.07
CA TYR A 255 15.86 10.02 10.53
C TYR A 255 16.30 11.23 9.70
N GLU A 256 17.39 11.13 8.96
CA GLU A 256 17.78 12.19 8.03
C GLU A 256 17.20 11.84 6.66
N PRO A 257 16.14 12.52 6.19
CA PRO A 257 15.53 12.14 4.90
C PRO A 257 16.52 12.12 3.74
N ASP A 258 17.42 13.10 3.69
CA ASP A 258 18.35 13.17 2.56
C ASP A 258 19.38 12.07 2.56
N HIS A 259 19.54 11.33 3.66
CA HIS A 259 20.48 10.24 3.72
C HIS A 259 19.86 8.89 3.38
N ARG A 260 18.55 8.84 3.14
CA ARG A 260 17.93 7.57 2.83
C ARG A 260 18.33 7.14 1.42
N PRO A 261 18.62 5.86 1.20
CA PRO A 261 19.12 5.43 -0.11
C PRO A 261 18.05 5.48 -1.19
N SER A 262 18.52 5.66 -2.43
CA SER A 262 17.65 5.57 -3.59
C SER A 262 17.18 4.14 -3.78
N PHE A 263 16.04 3.98 -4.46
CA PHE A 263 15.54 2.63 -4.65
C PHE A 263 16.42 1.82 -5.61
N ARG A 264 17.15 2.48 -6.48
CA ARG A 264 18.19 1.79 -7.26
C ARG A 264 19.21 1.12 -6.31
N ALA A 265 19.68 1.86 -5.31
CA ALA A 265 20.62 1.30 -4.36
C ALA A 265 19.95 0.24 -3.48
N ILE A 266 18.69 0.43 -3.12
CA ILE A 266 17.95 -0.58 -2.38
C ILE A 266 17.91 -1.89 -3.16
N ILE A 267 17.60 -1.80 -4.45
CA ILE A 267 17.51 -3.00 -5.29
C ILE A 267 18.86 -3.69 -5.38
N ARG A 268 19.93 -2.93 -5.57
CA ARG A 268 21.27 -3.50 -5.58
C ARG A 268 21.55 -4.29 -4.30
N ASP A 269 21.15 -3.74 -3.14
CA ASP A 269 21.38 -4.45 -1.88
C ASP A 269 20.50 -5.69 -1.78
N LEU A 270 19.22 -5.59 -2.14
CA LEU A 270 18.37 -6.78 -2.15
C LEU A 270 18.99 -7.86 -3.02
N ASN A 271 19.49 -7.49 -4.20
CA ASN A 271 20.08 -8.45 -5.11
C ASN A 271 21.39 -9.05 -4.58
N SER A 272 22.02 -8.42 -3.59
CA SER A 272 23.23 -8.97 -2.99
C SER A 272 22.93 -9.98 -1.88
N LEU A 273 21.83 -10.73 -1.99
CA LEU A 273 21.52 -11.76 -1.00
C LEU A 273 21.02 -13.03 -1.68
O3 M4P B . -7.21 2.94 2.92
C4 M4P B . -9.27 -8.93 -1.77
C5 M4P B . -8.55 -6.93 -3.11
C6 M4P B . -8.07 -5.19 -4.19
N1 M4P B . -8.88 -8.23 -2.92
C7 M4P B . -7.68 -3.76 -2.16
C8 M4P B . -7.46 -2.78 0.04
N2 M4P B . -8.41 -6.46 -4.40
C9 M4P B . -8.55 -2.23 0.69
C10 M4P B . -8.38 -1.15 1.53
C11 M4P B . -7.11 -0.61 1.73
C12 M4P B . -5.69 1.19 2.69
N3 M4P B . -7.82 -4.25 -5.11
C13 M4P B . -6.11 2.43 3.43
C14 M4P B . -6.01 -1.15 1.06
C15 M4P B . -6.19 -2.23 0.23
N4 M4P B . -7.99 -4.94 -2.84
N M4P B . -10.80 -11.70 2.56
C M4P B . -10.47 -11.13 1.64
O M4P B . -7.40 -2.73 -2.78
C1 M4P B . -10.06 -10.38 0.47
C16 M4P B . -9.37 -10.31 -1.84
C17 M4P B . -9.75 -11.04 -0.72
C2 M4P B . -9.98 -9.00 0.54
C3 M4P B . -9.59 -8.28 -0.57
N5 M4P B . -7.73 -3.86 -0.81
N6 M4P B . -8.32 -6.08 -2.13
O1 M4P B . -6.90 0.46 2.55
O2 M4P B . -5.53 2.90 4.39
#